data_8SOT
#
_entry.id   8SOT
#
_cell.length_a   101.968
_cell.length_b   38.835
_cell.length_c   53.681
_cell.angle_alpha   90.000
_cell.angle_beta   106.000
_cell.angle_gamma   90.000
#
_symmetry.space_group_name_H-M   'C 1 2 1'
#
loop_
_entity.id
_entity.type
_entity.pdbx_description
1 polymer 'Basic membrane protein'
2 non-polymer GLYCEROL
3 water water
#
_entity_poly.entity_id   1
_entity_poly.type   'polypeptide(L)'
_entity_poly.pdbx_seq_one_letter_code
;LPDISRVSHIFFSTKDKKRSDVLDQAKNILSQIRSKKITFEEAVRKYSNDESSKAKNGDLGFLSRGDQNAQNLLGADFVK
EVFNFNKGDISSPIASKEGFHIVKVTEKYARPHRDA
;
_entity_poly.pdbx_strand_id   A,B
#
# COMPACT_ATOMS: atom_id res chain seq x y z
N LEU A 1 18.34 -17.08 -0.02
CA LEU A 1 17.45 -18.19 0.38
C LEU A 1 16.79 -17.92 1.74
N PRO A 2 17.53 -17.41 2.73
CA PRO A 2 16.85 -16.76 3.86
C PRO A 2 16.53 -15.29 3.60
N ASP A 3 17.09 -14.71 2.53
CA ASP A 3 16.70 -13.37 2.13
C ASP A 3 15.21 -13.37 1.77
N ILE A 4 14.44 -12.48 2.37
CA ILE A 4 13.01 -12.40 2.09
C ILE A 4 12.65 -10.94 1.86
N SER A 5 11.73 -10.72 0.93
CA SER A 5 11.14 -9.42 0.69
C SER A 5 9.63 -9.58 0.62
N ARG A 6 8.92 -8.63 1.20
CA ARG A 6 7.48 -8.55 1.06
C ARG A 6 7.19 -7.54 -0.04
N VAL A 7 6.34 -7.91 -0.99
CA VAL A 7 6.12 -7.09 -2.17
C VAL A 7 4.64 -7.00 -2.52
N SER A 8 4.23 -5.83 -2.99
CA SER A 8 2.98 -5.63 -3.71
C SER A 8 3.28 -5.43 -5.19
N HIS A 9 2.27 -5.65 -6.04
CA HIS A 9 2.54 -5.41 -7.44
C HIS A 9 1.26 -5.03 -8.16
N ILE A 10 1.47 -4.40 -9.30
CA ILE A 10 0.46 -4.21 -10.33
C ILE A 10 0.88 -5.12 -11.47
N PHE A 11 0.02 -6.07 -11.83
CA PHE A 11 0.33 -7.00 -12.89
C PHE A 11 -0.37 -6.60 -14.18
N PHE A 12 0.41 -6.48 -15.26
CA PHE A 12 -0.11 -6.14 -16.60
C PHE A 12 0.03 -7.37 -17.49
N SER A 13 -1.06 -8.12 -17.64
CA SER A 13 -1.05 -9.29 -18.50
C SER A 13 -1.01 -8.88 -19.96
N THR A 14 -0.37 -9.70 -20.77
CA THR A 14 -0.33 -9.47 -22.21
C THR A 14 -1.27 -10.40 -22.98
N LYS A 15 -2.13 -11.15 -22.29
CA LYS A 15 -3.06 -12.05 -22.97
C LYS A 15 -3.98 -11.25 -23.88
N ASP A 16 -3.95 -11.59 -25.17
CA ASP A 16 -4.79 -10.96 -26.20
C ASP A 16 -4.58 -9.44 -26.28
N LYS A 17 -3.41 -8.96 -25.87
CA LYS A 17 -3.01 -7.58 -26.11
C LYS A 17 -1.64 -7.60 -26.77
N LYS A 18 -1.24 -6.46 -27.33
CA LYS A 18 0.11 -6.33 -27.87
C LYS A 18 1.06 -5.98 -26.74
N ARG A 19 2.18 -6.69 -26.68
CA ARG A 19 3.17 -6.47 -25.61
C ARG A 19 3.58 -5.00 -25.53
N SER A 20 3.67 -4.33 -26.69
CA SER A 20 4.09 -2.94 -26.72
C SER A 20 3.05 -2.03 -26.08
N ASP A 21 1.78 -2.26 -26.37
CA ASP A 21 0.74 -1.45 -25.76
C ASP A 21 0.70 -1.66 -24.25
N VAL A 22 1.01 -2.88 -23.80
CA VAL A 22 0.99 -3.19 -22.37
C VAL A 22 2.14 -2.50 -21.67
N LEU A 23 3.34 -2.61 -22.23
CA LEU A 23 4.50 -1.98 -21.59
C LEU A 23 4.35 -0.46 -21.57
N ASP A 24 3.82 0.12 -22.65
CA ASP A 24 3.60 1.56 -22.69
C ASP A 24 2.69 2.01 -21.55
N GLN A 25 1.63 1.26 -21.29
CA GLN A 25 0.71 1.65 -20.23
C GLN A 25 1.38 1.56 -18.87
N ALA A 26 2.14 0.48 -18.66
CA ALA A 26 2.88 0.29 -17.42
C ALA A 26 3.87 1.44 -17.18
N LYS A 27 4.57 1.86 -18.24
CA LYS A 27 5.50 2.96 -18.08
C LYS A 27 4.76 4.25 -17.76
N ASN A 28 3.61 4.47 -18.39
CA ASN A 28 2.83 5.66 -18.11
C ASN A 28 2.21 5.63 -16.71
N ILE A 29 1.72 4.47 -16.28
CA ILE A 29 1.26 4.32 -14.90
C ILE A 29 2.36 4.74 -13.95
N LEU A 30 3.57 4.23 -14.18
CA LEU A 30 4.66 4.54 -13.27
C LEU A 30 4.93 6.05 -13.25
N SER A 31 4.93 6.70 -14.41
CA SER A 31 5.17 8.14 -14.45
C SER A 31 4.08 8.91 -13.72
N GLN A 32 2.84 8.42 -13.79
CA GLN A 32 1.75 9.09 -13.07
C GLN A 32 1.88 8.90 -11.57
N ILE A 33 2.41 7.76 -11.15
CA ILE A 33 2.74 7.57 -9.74
C ILE A 33 3.81 8.58 -9.31
N ARG A 34 4.92 8.65 -10.07
CA ARG A 34 6.02 9.56 -9.79
C ARG A 34 5.55 10.99 -9.60
N SER A 35 4.69 11.46 -10.49
CA SER A 35 4.20 12.82 -10.42
C SER A 35 3.04 12.98 -9.44
N LYS A 36 2.69 11.92 -8.72
CA LYS A 36 1.65 11.93 -7.68
C LYS A 36 0.25 12.17 -8.23
N LYS A 37 0.05 12.00 -9.53
CA LYS A 37 -1.30 12.08 -10.09
C LYS A 37 -2.16 10.89 -9.66
N ILE A 38 -1.53 9.76 -9.35
CA ILE A 38 -2.24 8.60 -8.82
C ILE A 38 -1.35 7.93 -7.78
N THR A 39 -1.99 7.19 -6.86
CA THR A 39 -1.20 6.45 -5.90
C THR A 39 -0.96 5.02 -6.37
N PHE A 40 -0.03 4.34 -5.70
CA PHE A 40 0.22 2.94 -6.05
C PHE A 40 -1.03 2.09 -5.83
N GLU A 41 -1.72 2.29 -4.69
CA GLU A 41 -2.93 1.53 -4.41
C GLU A 41 -4.02 1.81 -5.42
N GLU A 42 -4.12 3.06 -5.87
CA GLU A 42 -5.09 3.40 -6.91
C GLU A 42 -4.77 2.66 -8.21
N ALA A 43 -3.50 2.68 -8.61
CA ALA A 43 -3.07 1.98 -9.82
C ALA A 43 -3.31 0.49 -9.72
N VAL A 44 -3.12 -0.09 -8.52
CA VAL A 44 -3.38 -1.51 -8.34
C VAL A 44 -4.84 -1.81 -8.63
N ARG A 45 -5.74 -1.05 -8.00
CA ARG A 45 -7.16 -1.35 -8.13
C ARG A 45 -7.63 -1.14 -9.55
N LYS A 46 -7.12 -0.11 -10.22
CA LYS A 46 -7.64 0.23 -11.54
C LYS A 46 -6.99 -0.57 -12.66
N TYR A 47 -5.74 -0.99 -12.50
CA TYR A 47 -4.98 -1.55 -13.61
C TYR A 47 -4.49 -2.98 -13.39
N SER A 48 -4.39 -3.47 -12.17
CA SER A 48 -3.77 -4.78 -11.99
C SER A 48 -4.67 -5.88 -12.54
N ASN A 49 -4.07 -6.80 -13.29
CA ASN A 49 -4.79 -7.96 -13.81
C ASN A 49 -4.73 -9.17 -12.87
N ASP A 50 -3.97 -9.07 -11.78
CA ASP A 50 -3.85 -10.16 -10.80
C ASP A 50 -4.96 -9.97 -9.78
N GLU A 51 -6.07 -10.68 -9.97
CA GLU A 51 -7.22 -10.46 -9.09
C GLU A 51 -6.90 -10.82 -7.65
N SER A 52 -6.15 -11.91 -7.42
CA SER A 52 -5.96 -12.39 -6.06
C SER A 52 -5.16 -11.40 -5.21
N SER A 53 -4.09 -10.82 -5.76
CA SER A 53 -3.35 -9.83 -4.99
C SER A 53 -4.05 -8.46 -5.02
N LYS A 54 -4.71 -8.12 -6.12
CA LYS A 54 -5.49 -6.89 -6.16
C LYS A 54 -6.48 -6.83 -4.99
N ALA A 55 -7.10 -7.97 -4.65
CA ALA A 55 -8.03 -8.04 -3.53
C ALA A 55 -7.34 -7.83 -2.19
N LYS A 56 -6.01 -7.88 -2.15
CA LYS A 56 -5.23 -7.57 -0.96
C LYS A 56 -4.42 -6.29 -1.16
N ASN A 57 -4.94 -5.36 -1.97
CA ASN A 57 -4.27 -4.10 -2.20
C ASN A 57 -2.90 -4.32 -2.85
N GLY A 58 -2.78 -5.39 -3.62
CA GLY A 58 -1.56 -5.65 -4.37
C GLY A 58 -0.56 -6.56 -3.68
N ASP A 59 -0.76 -6.82 -2.40
CA ASP A 59 0.20 -7.54 -1.58
C ASP A 59 0.32 -8.98 -2.05
N LEU A 60 1.55 -9.40 -2.36
CA LEU A 60 1.87 -10.80 -2.64
C LEU A 60 2.39 -11.55 -1.42
N GLY A 61 2.65 -10.87 -0.31
CA GLY A 61 3.26 -11.52 0.84
C GLY A 61 4.76 -11.63 0.68
N PHE A 62 5.36 -12.45 1.53
CA PHE A 62 6.81 -12.60 1.55
C PHE A 62 7.28 -13.57 0.48
N LEU A 63 8.32 -13.19 -0.25
CA LEU A 63 9.02 -14.04 -1.21
C LEU A 63 10.46 -14.20 -0.76
N SER A 64 10.95 -15.44 -0.78
CA SER A 64 12.36 -15.70 -0.49
C SER A 64 13.15 -15.75 -1.79
N ARG A 65 14.36 -15.21 -1.75
CA ARG A 65 15.19 -15.20 -2.95
C ARG A 65 15.42 -16.63 -3.43
N GLY A 66 15.42 -16.81 -4.75
CA GLY A 66 15.54 -18.15 -5.29
C GLY A 66 14.48 -19.13 -4.86
N ASP A 67 13.32 -18.67 -4.36
CA ASP A 67 12.24 -19.59 -4.02
C ASP A 67 11.72 -20.27 -5.29
N GLN A 68 11.90 -21.59 -5.36
CA GLN A 68 11.59 -22.36 -6.56
C GLN A 68 10.16 -22.13 -7.01
N ASN A 69 9.20 -22.16 -6.09
CA ASN A 69 7.80 -21.99 -6.45
C ASN A 69 7.57 -20.65 -7.13
N ALA A 70 8.17 -19.58 -6.59
CA ALA A 70 8.04 -18.26 -7.19
C ALA A 70 8.90 -18.14 -8.45
N GLN A 71 10.08 -18.75 -8.44
CA GLN A 71 10.91 -18.79 -9.64
C GLN A 71 10.20 -19.51 -10.78
N ASN A 72 9.46 -20.58 -10.47
CA ASN A 72 8.84 -21.38 -11.53
C ASN A 72 7.70 -20.63 -12.19
N LEU A 73 6.90 -19.91 -11.40
CA LEU A 73 5.74 -19.21 -11.97
C LEU A 73 6.20 -18.03 -12.83
N LEU A 74 7.01 -17.13 -12.26
CA LEU A 74 7.32 -15.85 -12.90
C LEU A 74 8.72 -15.78 -13.50
N GLY A 75 9.59 -16.72 -13.20
CA GLY A 75 10.92 -16.76 -13.78
C GLY A 75 11.99 -16.35 -12.77
N ALA A 76 13.19 -16.89 -12.96
CA ALA A 76 14.30 -16.47 -12.12
C ALA A 76 14.59 -14.98 -12.26
N ASP A 77 14.36 -14.40 -13.44
CA ASP A 77 14.66 -12.98 -13.63
C ASP A 77 13.75 -12.11 -12.79
N PHE A 78 12.46 -12.45 -12.71
CA PHE A 78 11.55 -11.66 -11.90
C PHE A 78 11.95 -11.69 -10.43
N VAL A 79 12.09 -12.89 -9.85
CA VAL A 79 12.50 -13.01 -8.45
C VAL A 79 13.80 -12.25 -8.22
N LYS A 80 14.79 -12.47 -9.10
CA LYS A 80 16.08 -11.82 -8.94
C LYS A 80 15.96 -10.30 -8.97
N GLU A 81 15.11 -9.77 -9.86
CA GLU A 81 14.97 -8.33 -10.01
C GLU A 81 14.31 -7.70 -8.80
N VAL A 82 13.28 -8.35 -8.26
CA VAL A 82 12.65 -7.83 -7.04
C VAL A 82 13.69 -7.60 -5.95
N PHE A 83 14.61 -8.54 -5.78
CA PHE A 83 15.62 -8.43 -4.74
C PHE A 83 16.72 -7.44 -5.10
N ASN A 84 16.74 -6.93 -6.34
CA ASN A 84 17.57 -5.78 -6.69
C ASN A 84 17.03 -4.49 -6.10
N PHE A 85 15.74 -4.44 -5.77
CA PHE A 85 15.12 -3.23 -5.28
C PHE A 85 15.15 -3.16 -3.76
N ASN A 86 15.18 -1.94 -3.26
CA ASN A 86 15.29 -1.63 -1.85
C ASN A 86 13.91 -1.31 -1.29
N LYS A 87 13.78 -1.47 0.03
CA LYS A 87 12.51 -1.24 0.68
C LYS A 87 11.95 0.14 0.35
N GLY A 88 10.68 0.18 -0.04
CA GLY A 88 10.04 1.42 -0.39
C GLY A 88 10.15 1.82 -1.84
N ASP A 89 10.96 1.10 -2.63
CA ASP A 89 11.03 1.31 -4.07
C ASP A 89 9.74 0.84 -4.75
N ILE A 90 9.29 1.62 -5.72
CA ILE A 90 8.35 1.15 -6.74
C ILE A 90 9.13 1.02 -8.04
N SER A 91 9.12 -0.19 -8.61
CA SER A 91 10.05 -0.52 -9.69
C SER A 91 9.57 0.02 -11.03
N SER A 92 10.53 0.18 -11.94
CA SER A 92 10.20 0.23 -13.36
C SER A 92 9.53 -1.08 -13.74
N PRO A 93 8.86 -1.12 -14.89
CA PRO A 93 8.17 -2.36 -15.28
C PRO A 93 9.13 -3.53 -15.40
N ILE A 94 8.80 -4.65 -14.75
CA ILE A 94 9.59 -5.87 -14.78
C ILE A 94 8.90 -6.90 -15.67
N ALA A 95 9.63 -7.42 -16.65
CA ALA A 95 9.10 -8.50 -17.47
C ALA A 95 9.09 -9.82 -16.68
N SER A 96 8.08 -10.65 -16.95
CA SER A 96 8.05 -12.00 -16.40
C SER A 96 7.41 -12.91 -17.44
N LYS A 97 7.21 -14.17 -17.03
CA LYS A 97 6.65 -15.17 -17.94
C LYS A 97 5.24 -14.83 -18.40
N GLU A 98 4.54 -13.94 -17.68
CA GLU A 98 3.12 -13.69 -17.86
C GLU A 98 2.80 -12.31 -18.43
N GLY A 99 3.71 -11.36 -18.30
CA GLY A 99 3.44 -10.00 -18.70
C GLY A 99 4.42 -9.10 -17.99
N PHE A 100 3.99 -7.91 -17.56
CA PHE A 100 4.85 -6.97 -16.87
C PHE A 100 4.30 -6.65 -15.49
N HIS A 101 5.20 -6.37 -14.56
CA HIS A 101 4.88 -6.06 -13.17
C HIS A 101 5.48 -4.73 -12.76
N ILE A 102 4.69 -3.90 -12.10
CA ILE A 102 5.26 -2.82 -11.30
C ILE A 102 5.26 -3.30 -9.85
N VAL A 103 6.44 -3.38 -9.24
CA VAL A 103 6.58 -3.96 -7.90
C VAL A 103 6.90 -2.87 -6.90
N LYS A 104 6.28 -2.95 -5.72
CA LYS A 104 6.68 -2.15 -4.57
C LYS A 104 7.24 -3.07 -3.49
N VAL A 105 8.44 -2.77 -3.02
CA VAL A 105 9.03 -3.52 -1.91
C VAL A 105 8.57 -2.86 -0.61
N THR A 106 7.73 -3.58 0.14
CA THR A 106 7.17 -3.02 1.36
C THR A 106 7.96 -3.41 2.60
N GLU A 107 8.65 -4.55 2.54
CA GLU A 107 9.53 -5.01 3.61
C GLU A 107 10.69 -5.73 2.96
N LYS A 108 11.83 -5.75 3.65
CA LYS A 108 13.00 -6.44 3.11
C LYS A 108 13.89 -6.87 4.26
N TYR A 109 14.28 -8.15 4.25
CA TYR A 109 15.19 -8.73 5.21
C TYR A 109 16.17 -9.56 4.39
N ALA A 110 17.34 -8.99 4.10
CA ALA A 110 18.27 -9.63 3.18
C ALA A 110 19.69 -9.14 3.46
N ARG A 111 20.64 -10.05 3.30
CA ARG A 111 22.04 -9.71 3.55
C ARG A 111 22.57 -8.86 2.41
N PRO A 112 23.39 -7.85 2.70
CA PRO A 112 24.08 -7.15 1.62
C PRO A 112 25.06 -8.11 0.94
N HIS A 113 25.19 -7.98 -0.38
CA HIS A 113 26.04 -8.88 -1.15
C HIS A 113 26.66 -8.12 -2.31
N ARG A 114 27.92 -8.43 -2.58
CA ARG A 114 28.61 -7.93 -3.76
C ARG A 114 27.95 -8.46 -5.03
N ASP A 115 28.26 -7.82 -6.17
CA ASP A 115 28.02 -8.42 -7.48
C ASP A 115 29.33 -9.00 -7.97
N ALA A 116 29.31 -10.26 -8.39
CA ALA A 116 30.53 -10.93 -8.86
C ALA A 116 30.81 -10.60 -10.32
N LEU B 1 -21.84 13.68 0.75
CA LEU B 1 -22.67 12.49 0.83
C LEU B 1 -22.49 11.57 -0.39
N PRO B 2 -22.31 12.14 -1.60
CA PRO B 2 -21.81 11.31 -2.71
C PRO B 2 -20.29 11.35 -2.80
N ASP B 3 -19.67 12.30 -2.09
CA ASP B 3 -18.21 12.37 -2.06
C ASP B 3 -17.62 11.16 -1.35
N ILE B 4 -16.53 10.62 -1.90
CA ILE B 4 -15.93 9.41 -1.36
C ILE B 4 -14.41 9.57 -1.33
N SER B 5 -13.78 9.06 -0.27
CA SER B 5 -12.33 8.90 -0.23
C SER B 5 -12.05 7.44 0.07
N ARG B 6 -11.05 6.89 -0.61
CA ARG B 6 -10.53 5.58 -0.28
C ARG B 6 -9.31 5.78 0.63
N VAL B 7 -9.28 5.05 1.76
CA VAL B 7 -8.19 5.23 2.72
C VAL B 7 -7.67 3.89 3.21
N SER B 8 -6.38 3.88 3.54
CA SER B 8 -5.80 2.84 4.33
C SER B 8 -5.48 3.43 5.71
N HIS B 9 -5.34 2.59 6.73
CA HIS B 9 -4.89 3.16 7.99
C HIS B 9 -4.02 2.17 8.75
N ILE B 10 -3.21 2.73 9.65
CA ILE B 10 -2.62 2.01 10.79
C ILE B 10 -3.46 2.39 12.00
N PHE B 11 -4.10 1.40 12.62
CA PHE B 11 -5.03 1.64 13.72
C PHE B 11 -4.35 1.35 15.07
N PHE B 12 -4.48 2.28 16.01
CA PHE B 12 -3.96 2.12 17.38
C PHE B 12 -5.12 2.12 18.35
N SER B 13 -5.54 0.93 18.75
CA SER B 13 -6.57 0.81 19.76
C SER B 13 -6.04 1.27 21.12
N THR B 14 -6.93 1.88 21.89
CA THR B 14 -6.57 2.30 23.24
C THR B 14 -7.19 1.42 24.31
N LYS B 15 -8.05 0.47 23.95
CA LYS B 15 -8.62 -0.43 24.93
C LYS B 15 -7.52 -1.19 25.66
N ASP B 16 -7.58 -1.18 26.99
CA ASP B 16 -6.66 -1.88 27.88
C ASP B 16 -5.24 -1.28 27.88
N LYS B 17 -5.09 -0.03 27.41
CA LYS B 17 -3.79 0.63 27.38
C LYS B 17 -3.96 2.06 27.86
N LYS B 18 -2.83 2.78 27.95
CA LYS B 18 -2.81 4.19 28.32
C LYS B 18 -2.87 5.04 27.05
N ARG B 19 -3.81 5.99 27.02
CA ARG B 19 -4.04 6.78 25.82
C ARG B 19 -2.79 7.53 25.37
N SER B 20 -2.07 8.15 26.31
CA SER B 20 -0.87 8.87 25.93
C SER B 20 0.23 7.92 25.48
N ASP B 21 0.24 6.68 25.99
CA ASP B 21 1.27 5.75 25.56
C ASP B 21 0.98 5.24 24.15
N VAL B 22 -0.30 5.07 23.82
CA VAL B 22 -0.67 4.68 22.47
C VAL B 22 -0.33 5.80 21.49
N LEU B 23 -0.80 7.01 21.78
CA LEU B 23 -0.52 8.14 20.90
C LEU B 23 0.98 8.33 20.70
N ASP B 24 1.77 8.21 21.78
CA ASP B 24 3.21 8.35 21.61
C ASP B 24 3.75 7.27 20.68
N GLN B 25 3.20 6.06 20.77
CA GLN B 25 3.62 5.00 19.87
C GLN B 25 3.24 5.34 18.42
N ALA B 26 2.03 5.86 18.23
CA ALA B 26 1.60 6.29 16.89
C ALA B 26 2.55 7.34 16.34
N LYS B 27 2.87 8.35 17.14
CA LYS B 27 3.77 9.41 16.70
C LYS B 27 5.16 8.87 16.39
N ASN B 28 5.63 7.89 17.16
CA ASN B 28 6.95 7.32 16.90
C ASN B 28 6.95 6.54 15.59
N ILE B 29 5.90 5.74 15.37
CA ILE B 29 5.80 5.00 14.12
C ILE B 29 5.71 5.95 12.94
N LEU B 30 4.91 7.01 13.08
CA LEU B 30 4.80 7.99 12.00
C LEU B 30 6.15 8.66 11.74
N SER B 31 6.91 8.93 12.81
CA SER B 31 8.21 9.56 12.62
C SER B 31 9.13 8.67 11.80
N GLN B 32 9.04 7.36 12.01
CA GLN B 32 9.85 6.39 11.29
C GLN B 32 9.38 6.22 9.85
N ILE B 33 8.08 6.29 9.61
CA ILE B 33 7.58 6.32 8.24
C ILE B 33 8.11 7.56 7.52
N ARG B 34 7.92 8.73 8.15
CA ARG B 34 8.34 9.99 7.54
C ARG B 34 9.84 9.99 7.23
N SER B 35 10.65 9.35 8.05
CA SER B 35 12.08 9.30 7.79
C SER B 35 12.46 8.13 6.89
N LYS B 36 11.47 7.39 6.40
CA LYS B 36 11.67 6.24 5.51
C LYS B 36 12.52 5.14 6.12
N LYS B 37 12.57 5.06 7.46
CA LYS B 37 13.17 3.88 8.08
C LYS B 37 12.26 2.66 7.96
N ILE B 38 10.95 2.85 7.81
CA ILE B 38 9.99 1.78 7.57
C ILE B 38 8.97 2.29 6.57
N THR B 39 8.31 1.37 5.85
CA THR B 39 7.26 1.79 4.95
C THR B 39 5.94 1.84 5.71
N PHE B 40 4.99 2.58 5.14
CA PHE B 40 3.62 2.58 5.65
C PHE B 40 3.09 1.16 5.76
N GLU B 41 3.30 0.37 4.71
CA GLU B 41 2.78 -1.00 4.66
C GLU B 41 3.45 -1.89 5.70
N GLU B 42 4.74 -1.70 5.92
CA GLU B 42 5.42 -2.41 6.99
C GLU B 42 4.81 -2.06 8.35
N ALA B 43 4.58 -0.76 8.59
CA ALA B 43 3.97 -0.35 9.86
C ALA B 43 2.57 -0.91 10.02
N VAL B 44 1.82 -1.00 8.92
CA VAL B 44 0.51 -1.63 8.99
C VAL B 44 0.65 -3.05 9.50
N ARG B 45 1.50 -3.85 8.83
CA ARG B 45 1.53 -5.26 9.17
C ARG B 45 2.00 -5.45 10.61
N LYS B 46 2.97 -4.65 11.04
CA LYS B 46 3.59 -4.87 12.34
C LYS B 46 2.77 -4.27 13.47
N TYR B 47 2.19 -3.08 13.27
CA TYR B 47 1.67 -2.30 14.40
C TYR B 47 0.18 -2.03 14.39
N SER B 48 -0.51 -2.20 13.26
CA SER B 48 -1.94 -1.91 13.27
C SER B 48 -2.69 -2.93 14.12
N ASN B 49 -3.63 -2.44 14.94
CA ASN B 49 -4.51 -3.34 15.68
C ASN B 49 -5.77 -3.69 14.91
N ASP B 50 -5.97 -3.13 13.72
CA ASP B 50 -7.11 -3.49 12.87
C ASP B 50 -6.66 -4.68 12.03
N GLU B 51 -6.91 -5.87 12.56
CA GLU B 51 -6.42 -7.08 11.90
C GLU B 51 -7.08 -7.28 10.54
N SER B 52 -8.30 -6.76 10.37
CA SER B 52 -8.99 -6.95 9.10
C SER B 52 -8.32 -6.14 7.97
N SER B 53 -8.14 -4.84 8.16
CA SER B 53 -7.52 -4.04 7.10
C SER B 53 -6.04 -4.35 6.96
N LYS B 54 -5.39 -4.80 8.05
CA LYS B 54 -3.95 -5.07 8.00
C LYS B 54 -3.62 -6.07 6.92
N ALA B 55 -4.51 -7.02 6.68
CA ALA B 55 -4.30 -8.02 5.64
C ALA B 55 -4.51 -7.47 4.22
N LYS B 56 -4.87 -6.20 4.07
CA LYS B 56 -4.92 -5.54 2.77
C LYS B 56 -4.00 -4.32 2.79
N ASN B 57 -2.89 -4.43 3.51
CA ASN B 57 -1.96 -3.30 3.71
C ASN B 57 -2.72 -2.04 4.13
N GLY B 58 -3.73 -2.24 5.00
CA GLY B 58 -4.41 -1.17 5.68
C GLY B 58 -5.68 -0.67 5.03
N ASP B 59 -6.07 -1.21 3.88
CA ASP B 59 -7.13 -0.64 3.04
C ASP B 59 -8.49 -0.78 3.72
N LEU B 60 -9.17 0.35 3.93
CA LEU B 60 -10.53 0.32 4.46
C LEU B 60 -11.58 0.33 3.36
N GLY B 61 -11.21 0.59 2.13
CA GLY B 61 -12.20 0.77 1.07
C GLY B 61 -12.68 2.21 1.00
N PHE B 62 -13.81 2.38 0.33
CA PHE B 62 -14.33 3.72 0.04
C PHE B 62 -15.20 4.20 1.18
N LEU B 63 -14.85 5.33 1.76
CA LEU B 63 -15.68 5.99 2.76
C LEU B 63 -16.45 7.11 2.07
N SER B 64 -17.78 7.12 2.21
CA SER B 64 -18.54 8.25 1.69
C SER B 64 -18.71 9.27 2.79
N ARG B 65 -18.69 10.54 2.43
CA ARG B 65 -18.98 11.57 3.42
C ARG B 65 -20.37 11.33 3.99
N GLY B 66 -20.54 11.57 5.27
CA GLY B 66 -21.84 11.34 5.87
C GLY B 66 -22.40 9.93 5.77
N ASP B 67 -21.56 8.93 5.49
CA ASP B 67 -21.96 7.54 5.69
C ASP B 67 -22.25 7.32 7.17
N GLN B 68 -23.47 6.86 7.48
CA GLN B 68 -23.91 6.83 8.86
C GLN B 68 -23.17 5.76 9.67
N ASN B 69 -22.87 4.62 9.05
CA ASN B 69 -22.18 3.55 9.78
C ASN B 69 -20.79 4.01 10.21
N ALA B 70 -20.01 4.56 9.29
CA ALA B 70 -18.67 5.00 9.62
C ALA B 70 -18.70 6.10 10.69
N GLN B 71 -19.68 7.01 10.58
CA GLN B 71 -19.84 8.05 11.59
C GLN B 71 -20.14 7.45 12.96
N ASN B 72 -21.03 6.47 13.02
CA ASN B 72 -21.33 5.78 14.28
C ASN B 72 -20.08 5.17 14.88
N LEU B 73 -19.25 4.53 14.06
CA LEU B 73 -18.10 3.80 14.59
C LEU B 73 -16.96 4.76 14.93
N LEU B 74 -16.57 5.63 14.01
CA LEU B 74 -15.38 6.45 14.18
C LEU B 74 -15.66 7.90 14.56
N GLY B 75 -16.90 8.36 14.40
CA GLY B 75 -17.21 9.73 14.77
C GLY B 75 -17.10 10.67 13.59
N ALA B 76 -17.95 11.71 13.62
CA ALA B 76 -17.98 12.68 12.52
C ALA B 76 -16.68 13.45 12.39
N ASP B 77 -15.99 13.69 13.50
CA ASP B 77 -14.69 14.34 13.44
C ASP B 77 -13.70 13.53 12.61
N PHE B 78 -13.67 12.21 12.80
CA PHE B 78 -12.76 11.37 12.02
C PHE B 78 -13.04 11.51 10.54
N VAL B 79 -14.31 11.36 10.15
CA VAL B 79 -14.67 11.36 8.74
C VAL B 79 -14.42 12.72 8.12
N LYS B 80 -14.79 13.79 8.83
CA LYS B 80 -14.51 15.13 8.33
C LYS B 80 -13.01 15.32 8.11
N GLU B 81 -12.19 14.95 9.09
CA GLU B 81 -10.76 15.21 8.94
C GLU B 81 -10.14 14.36 7.84
N VAL B 82 -10.65 13.14 7.62
CA VAL B 82 -10.16 12.33 6.50
C VAL B 82 -10.45 13.01 5.17
N PHE B 83 -11.63 13.61 5.04
CA PHE B 83 -11.94 14.30 3.79
C PHE B 83 -11.20 15.63 3.66
N ASN B 84 -10.59 16.14 4.74
CA ASN B 84 -9.76 17.33 4.61
C ASN B 84 -8.39 17.02 4.04
N PHE B 85 -7.98 15.75 4.05
CA PHE B 85 -6.68 15.40 3.53
C PHE B 85 -6.73 15.21 2.02
N ASN B 86 -5.54 15.17 1.42
CA ASN B 86 -5.37 15.11 -0.02
C ASN B 86 -4.86 13.72 -0.39
N LYS B 87 -5.15 13.30 -1.62
CA LYS B 87 -4.67 12.01 -2.08
C LYS B 87 -3.14 11.92 -1.98
N GLY B 88 -2.65 10.79 -1.49
CA GLY B 88 -1.24 10.61 -1.22
C GLY B 88 -0.78 11.05 0.16
N ASP B 89 -1.58 11.86 0.85
CA ASP B 89 -1.25 12.24 2.22
C ASP B 89 -1.15 11.03 3.14
N ILE B 90 -0.19 11.08 4.06
CA ILE B 90 -0.10 10.16 5.19
C ILE B 90 -0.18 11.00 6.45
N SER B 91 -1.28 10.85 7.19
CA SER B 91 -1.71 11.82 8.19
C SER B 91 -0.88 11.73 9.46
N SER B 92 -0.85 12.87 10.18
CA SER B 92 -0.57 12.88 11.60
C SER B 92 -1.59 11.96 12.27
N PRO B 93 -1.30 11.40 13.44
CA PRO B 93 -2.29 10.53 14.09
C PRO B 93 -3.61 11.25 14.31
N ILE B 94 -4.70 10.63 13.86
CA ILE B 94 -6.05 11.18 13.97
C ILE B 94 -6.77 10.44 15.08
N ALA B 95 -7.41 11.20 15.96
CA ALA B 95 -8.25 10.57 16.97
C ALA B 95 -9.63 10.25 16.39
N SER B 96 -10.18 9.12 16.80
CA SER B 96 -11.54 8.69 16.49
C SER B 96 -12.18 8.20 17.77
N LYS B 97 -13.42 7.73 17.66
CA LYS B 97 -14.07 7.12 18.82
C LYS B 97 -13.35 5.88 19.30
N GLU B 98 -12.54 5.23 18.44
CA GLU B 98 -11.97 3.93 18.77
C GLU B 98 -10.48 3.96 19.10
N GLY B 99 -9.80 5.05 18.81
CA GLY B 99 -8.38 5.12 19.10
C GLY B 99 -7.71 6.17 18.25
N PHE B 100 -6.47 5.89 17.82
CA PHE B 100 -5.76 6.78 16.91
C PHE B 100 -5.51 6.07 15.59
N HIS B 101 -5.39 6.87 14.53
CA HIS B 101 -5.20 6.39 13.17
C HIS B 101 -4.13 7.20 12.47
N ILE B 102 -3.22 6.51 11.80
CA ILE B 102 -2.40 7.11 10.76
C ILE B 102 -3.08 6.75 9.45
N VAL B 103 -3.53 7.75 8.72
CA VAL B 103 -4.37 7.55 7.55
C VAL B 103 -3.56 7.87 6.29
N LYS B 104 -3.70 7.02 5.28
CA LYS B 104 -3.22 7.32 3.93
C LYS B 104 -4.42 7.36 2.99
N VAL B 105 -4.61 8.50 2.34
CA VAL B 105 -5.68 8.61 1.35
C VAL B 105 -5.15 8.06 0.02
N THR B 106 -5.80 7.01 -0.48
CA THR B 106 -5.32 6.34 -1.68
C THR B 106 -6.06 6.77 -2.93
N GLU B 107 -7.34 7.15 -2.79
CA GLU B 107 -8.13 7.69 -3.89
C GLU B 107 -9.05 8.74 -3.31
N LYS B 108 -9.52 9.65 -4.18
CA LYS B 108 -10.44 10.68 -3.71
C LYS B 108 -11.30 11.17 -4.85
N TYR B 109 -12.61 11.17 -4.66
CA TYR B 109 -13.58 11.69 -5.64
C TYR B 109 -14.55 12.53 -4.81
N ALA B 110 -14.22 13.81 -4.68
CA ALA B 110 -14.98 14.70 -3.81
C ALA B 110 -14.91 16.11 -4.35
N ARG B 111 -15.97 16.86 -4.08
CA ARG B 111 -15.97 18.27 -4.44
C ARG B 111 -14.97 19.01 -3.56
N PRO B 112 -14.18 19.91 -4.13
CA PRO B 112 -13.35 20.78 -3.29
C PRO B 112 -14.20 21.86 -2.63
N HIS B 113 -14.67 21.60 -1.42
CA HIS B 113 -15.55 22.52 -0.71
C HIS B 113 -14.82 23.81 -0.34
N ARG B 114 -15.59 24.79 0.13
CA ARG B 114 -15.03 26.07 0.56
C ARG B 114 -16.00 26.78 1.48
#